data_6XMV
#
_entry.id   6XMV
#
_cell.length_a   65.040
_cell.length_b   125.900
_cell.length_c   47.920
_cell.angle_alpha   90.000
_cell.angle_beta   90.000
_cell.angle_gamma   90.000
#
_symmetry.space_group_name_H-M   'P 21 21 2'
#
loop_
_entity.id
_entity.type
_entity.pdbx_description
1 polymer Hemolysin,Endolysin
2 non-polymer 'CHLORIDE ION'
3 water water
#
_entity_poly.entity_id   1
_entity_poly.type   'polypeptide(L)'
_entity_poly.pdbx_seq_one_letter_code
;METDDNVMALRIETTARSYLRQNNQTKGYTPQISVVGYNRHLLLLGQVATEGEKQFVGQIARSEQAAEGVYNYITVASLP
RTAGDIAGDTWNTSKVRATLLGISPATQARVKIITYGNVTYVMGILTPEEQAQITQKVSTTVGVQKVITLYQNYVQRMGS
SHHHHHHSSGENLYFQGMNIFEMLRIDEGLRLKIYKDTEGYYTIGIGHLLTKSPSLNAAKSELDKAIGRNTNGVITKDEA
EKLFNQDVDAAVRGILRNAKLKPVYDSLDAVRRAALINMVFQMGETGVAGFTNSLRMLQQKRWDEAAVNLAKSRWYNQTP
NRAKRVITTFRTGTWDAYA
;
_entity_poly.pdbx_strand_id   A
#
loop_
_chem_comp.id
_chem_comp.type
_chem_comp.name
_chem_comp.formula
CL non-polymer 'CHLORIDE ION' 'Cl -1'
#
# COMPACT_ATOMS: atom_id res chain seq x y z
N MET A 1 3.79 -6.76 4.22
CA MET A 1 2.61 -6.72 5.07
C MET A 1 1.35 -6.42 4.27
N GLU A 2 1.47 -5.52 3.29
CA GLU A 2 0.37 -5.28 2.37
C GLU A 2 -0.07 -6.59 1.71
N THR A 3 0.90 -7.37 1.22
CA THR A 3 0.57 -8.55 0.45
C THR A 3 0.06 -9.67 1.35
N ASP A 4 0.60 -9.79 2.56
CA ASP A 4 0.13 -10.83 3.48
C ASP A 4 -1.26 -10.51 4.02
N ASP A 5 -1.49 -9.26 4.41
CA ASP A 5 -2.83 -8.87 4.87
C ASP A 5 -3.87 -9.25 3.83
N ASN A 6 -3.63 -8.91 2.56
CA ASN A 6 -4.62 -9.22 1.53
C ASN A 6 -4.67 -10.72 1.26
N VAL A 7 -3.51 -11.36 1.17
CA VAL A 7 -3.46 -12.78 0.84
C VAL A 7 -4.27 -13.58 1.85
N MET A 8 -4.01 -13.37 3.14
CA MET A 8 -4.71 -14.10 4.18
C MET A 8 -6.21 -13.80 4.14
N ALA A 9 -6.58 -12.51 4.09
CA ALA A 9 -7.98 -12.15 4.12
C ALA A 9 -8.77 -12.91 3.06
N LEU A 10 -8.24 -13.01 1.85
CA LEU A 10 -8.97 -13.69 0.78
C LEU A 10 -9.08 -15.18 1.04
N ARG A 11 -7.98 -15.81 1.46
CA ARG A 11 -8.04 -17.24 1.75
C ARG A 11 -9.06 -17.52 2.84
N ILE A 12 -9.14 -16.66 3.84
CA ILE A 12 -10.13 -16.82 4.90
C ILE A 12 -11.52 -16.53 4.36
N GLU A 13 -11.68 -15.46 3.58
CA GLU A 13 -12.98 -15.17 2.97
C GLU A 13 -13.47 -16.36 2.14
N THR A 14 -12.57 -16.99 1.39
CA THR A 14 -12.98 -18.00 0.42
C THR A 14 -13.16 -19.37 1.08
N THR A 15 -12.25 -19.77 1.97
CA THR A 15 -12.44 -21.04 2.65
C THR A 15 -13.62 -20.96 3.61
N ALA A 16 -13.89 -19.77 4.16
CA ALA A 16 -15.03 -19.61 5.06
C ALA A 16 -16.34 -19.68 4.28
N ARG A 17 -16.46 -18.91 3.20
CA ARG A 17 -17.66 -18.97 2.39
C ARG A 17 -17.97 -20.38 1.92
N SER A 18 -16.92 -21.18 1.66
CA SER A 18 -17.13 -22.57 1.27
C SER A 18 -17.82 -23.36 2.37
N TYR A 19 -17.35 -23.22 3.61
CA TYR A 19 -17.93 -23.97 4.72
C TYR A 19 -19.37 -23.53 4.99
N LEU A 20 -19.67 -22.25 4.83
CA LEU A 20 -21.03 -21.77 5.11
C LEU A 20 -22.02 -22.40 4.13
N ARG A 21 -21.74 -22.30 2.83
CA ARG A 21 -22.66 -22.82 1.82
C ARG A 21 -22.87 -24.32 1.92
N GLN A 22 -22.07 -25.02 2.72
CA GLN A 22 -22.21 -26.46 2.92
C GLN A 22 -22.98 -26.79 4.20
N ASN A 23 -23.76 -25.84 4.72
CA ASN A 23 -24.62 -26.08 5.88
C ASN A 23 -26.03 -25.55 5.61
N THR A 30 -25.00 -15.91 -1.66
CA THR A 30 -25.96 -15.65 -0.59
C THR A 30 -25.31 -15.24 0.74
N PRO A 31 -24.27 -15.95 1.20
CA PRO A 31 -23.75 -15.69 2.55
C PRO A 31 -23.08 -14.33 2.64
N GLN A 32 -22.70 -13.97 3.87
CA GLN A 32 -22.10 -12.67 4.17
C GLN A 32 -20.89 -12.88 5.06
N ILE A 33 -19.69 -12.77 4.47
CA ILE A 33 -18.44 -12.79 5.21
C ILE A 33 -17.50 -11.77 4.58
N SER A 34 -16.77 -11.06 5.43
CA SER A 34 -15.79 -10.09 4.99
C SER A 34 -14.63 -10.13 5.96
N VAL A 35 -13.41 -10.19 5.44
CA VAL A 35 -12.20 -10.19 6.24
C VAL A 35 -11.39 -8.97 5.86
N VAL A 36 -10.95 -8.21 6.86
CA VAL A 36 -10.11 -7.04 6.68
C VAL A 36 -8.81 -7.29 7.41
N GLY A 37 -7.69 -6.95 6.78
CA GLY A 37 -6.39 -7.22 7.35
C GLY A 37 -5.53 -6.00 7.53
N TYR A 38 -5.02 -5.80 8.75
CA TYR A 38 -4.18 -4.67 9.08
C TYR A 38 -3.11 -5.12 10.05
N ASN A 39 -1.84 -4.96 9.68
CA ASN A 39 -0.70 -5.37 10.51
C ASN A 39 -0.72 -6.85 10.85
N ARG A 40 -1.25 -7.67 9.93
CA ARG A 40 -1.34 -9.11 10.16
C ARG A 40 -2.40 -9.46 11.20
N HIS A 41 -2.97 -8.46 11.85
CA HIS A 41 -4.17 -8.67 12.64
C HIS A 41 -5.38 -8.69 11.71
N LEU A 42 -6.35 -9.51 12.07
CA LEU A 42 -7.46 -9.82 11.18
C LEU A 42 -8.78 -9.55 11.89
N LEU A 43 -9.70 -8.95 11.14
CA LEU A 43 -11.01 -8.54 11.64
C LEU A 43 -12.06 -9.27 10.81
N LEU A 44 -12.88 -10.08 11.47
CA LEU A 44 -13.90 -10.88 10.80
C LEU A 44 -15.25 -10.18 10.91
N LEU A 45 -15.94 -10.08 9.78
CA LEU A 45 -17.20 -9.35 9.69
C LEU A 45 -18.21 -10.16 8.89
N GLY A 46 -19.49 -9.99 9.23
CA GLY A 46 -20.55 -10.69 8.54
C GLY A 46 -21.67 -11.15 9.46
N GLN A 47 -22.67 -11.83 8.89
CA GLN A 47 -23.81 -12.36 9.62
C GLN A 47 -23.88 -13.86 9.41
N VAL A 48 -23.75 -14.62 10.49
CA VAL A 48 -23.90 -16.07 10.47
C VAL A 48 -25.11 -16.45 11.33
N ALA A 49 -25.60 -17.67 11.14
CA ALA A 49 -26.84 -18.08 11.78
C ALA A 49 -26.61 -18.55 13.23
N THR A 50 -25.56 -19.30 13.48
CA THR A 50 -25.33 -19.91 14.79
C THR A 50 -23.99 -19.47 15.38
N GLU A 51 -23.93 -19.54 16.71
CA GLU A 51 -22.72 -19.22 17.46
C GLU A 51 -21.60 -20.21 17.17
N GLY A 52 -21.92 -21.43 16.72
CA GLY A 52 -20.91 -22.43 16.46
C GLY A 52 -20.20 -22.19 15.14
N GLU A 53 -20.94 -21.72 14.14
CA GLU A 53 -20.33 -21.35 12.87
C GLU A 53 -19.43 -20.13 13.04
N LYS A 54 -19.89 -19.12 13.78
CA LYS A 54 -19.05 -17.97 14.07
C LYS A 54 -17.75 -18.40 14.73
N GLN A 55 -17.81 -19.41 15.61
CA GLN A 55 -16.60 -19.89 16.27
C GLN A 55 -15.74 -20.71 15.32
N PHE A 56 -16.35 -21.35 14.32
CA PHE A 56 -15.59 -22.13 13.36
C PHE A 56 -14.86 -21.24 12.36
N VAL A 57 -15.53 -20.19 11.89
CA VAL A 57 -14.88 -19.23 11.01
C VAL A 57 -13.71 -18.55 11.72
N GLY A 58 -13.79 -18.45 13.04
CA GLY A 58 -12.68 -17.89 13.80
C GLY A 58 -11.49 -18.81 13.89
N GLN A 59 -11.73 -20.13 13.83
CA GLN A 59 -10.61 -21.07 13.83
C GLN A 59 -9.92 -21.09 12.47
N ILE A 60 -10.68 -20.91 11.39
CA ILE A 60 -10.07 -20.77 10.07
C ILE A 60 -9.01 -19.67 10.09
N ALA A 61 -9.39 -18.50 10.60
CA ALA A 61 -8.45 -17.38 10.68
C ALA A 61 -7.27 -17.71 11.59
N ARG A 62 -7.55 -18.24 12.78
CA ARG A 62 -6.47 -18.53 13.71
C ARG A 62 -5.56 -19.64 13.25
N SER A 63 -5.96 -20.43 12.25
CA SER A 63 -5.06 -21.41 11.64
C SER A 63 -4.04 -20.76 10.71
N GLU A 64 -4.19 -19.47 10.41
CA GLU A 64 -3.19 -18.75 9.62
C GLU A 64 -1.96 -18.50 10.48
N GLN A 65 -0.90 -19.25 10.19
CA GLN A 65 0.32 -19.15 11.00
C GLN A 65 0.85 -17.73 11.03
N ALA A 66 0.61 -16.96 9.96
CA ALA A 66 1.13 -15.60 9.84
C ALA A 66 0.24 -14.55 10.49
N ALA A 67 -0.87 -14.94 11.11
CA ALA A 67 -1.74 -14.01 11.80
C ALA A 67 -1.26 -13.83 13.24
N GLU A 68 -1.08 -12.59 13.65
CA GLU A 68 -0.70 -12.28 15.02
C GLU A 68 -1.87 -11.75 15.84
N GLY A 69 -3.07 -11.78 15.29
CA GLY A 69 -4.28 -11.43 16.01
C GLY A 69 -5.51 -11.72 15.18
N VAL A 70 -6.63 -12.05 15.83
CA VAL A 70 -7.89 -12.29 15.14
C VAL A 70 -9.02 -11.70 15.96
N TYR A 71 -9.78 -10.80 15.35
CA TYR A 71 -10.90 -10.11 15.99
C TYR A 71 -12.19 -10.59 15.31
N ASN A 72 -12.98 -11.40 16.03
CA ASN A 72 -14.21 -11.98 15.49
C ASN A 72 -15.38 -11.09 15.86
N TYR A 73 -15.85 -10.30 14.90
CA TYR A 73 -17.00 -9.43 15.11
C TYR A 73 -18.11 -9.76 14.12
N ILE A 74 -18.35 -11.03 13.95
CA ILE A 74 -19.46 -11.54 13.16
C ILE A 74 -20.69 -11.57 14.04
N THR A 75 -21.82 -11.11 13.53
CA THR A 75 -23.06 -11.13 14.28
C THR A 75 -23.82 -12.42 13.98
N VAL A 76 -24.66 -12.83 14.93
CA VAL A 76 -25.41 -14.09 14.84
C VAL A 76 -26.86 -13.74 14.56
N ALA A 77 -27.33 -14.04 13.36
CA ALA A 77 -28.71 -13.75 12.95
C ALA A 77 -29.68 -14.76 13.54
N GLY A 88 -20.71 -3.12 3.86
CA GLY A 88 -19.54 -2.55 4.51
C GLY A 88 -18.72 -1.68 3.58
N ASP A 89 -17.78 -0.92 4.14
CA ASP A 89 -16.90 -0.07 3.32
C ASP A 89 -15.77 0.53 4.15
N THR A 90 -14.54 0.47 3.62
CA THR A 90 -13.40 1.08 4.28
C THR A 90 -13.34 2.59 3.97
N TRP A 91 -12.96 3.37 4.97
CA TRP A 91 -12.92 4.83 4.81
C TRP A 91 -11.79 5.20 3.87
N ASN A 92 -12.07 6.10 2.94
CA ASN A 92 -11.06 6.60 2.02
C ASN A 92 -10.25 7.71 2.67
N THR A 93 -9.09 8.00 2.08
CA THR A 93 -8.14 8.90 2.71
C THR A 93 -8.78 10.25 3.06
N SER A 94 -9.53 10.83 2.12
CA SER A 94 -10.10 12.15 2.36
C SER A 94 -11.13 12.12 3.47
N LYS A 95 -12.00 11.11 3.49
CA LYS A 95 -13.01 11.02 4.54
C LYS A 95 -12.38 10.90 5.92
N VAL A 96 -11.23 10.23 6.03
CA VAL A 96 -10.53 10.20 7.30
C VAL A 96 -9.98 11.58 7.64
N ARG A 97 -9.46 12.30 6.64
CA ARG A 97 -8.91 13.62 6.91
C ARG A 97 -10.00 14.60 7.35
N ALA A 98 -11.18 14.51 6.73
CA ALA A 98 -12.31 15.31 7.21
C ALA A 98 -12.61 15.04 8.68
N THR A 99 -12.37 13.81 9.14
CA THR A 99 -12.74 13.38 10.47
C THR A 99 -11.64 13.58 11.51
N LEU A 100 -10.37 13.64 11.10
CA LEU A 100 -9.25 13.70 12.04
C LEU A 100 -8.51 15.03 11.98
N LEU A 101 -9.17 16.10 11.53
CA LEU A 101 -8.59 17.44 11.58
C LEU A 101 -8.01 17.75 12.95
N GLY A 102 -6.73 18.11 12.98
CA GLY A 102 -6.00 18.35 14.21
C GLY A 102 -4.92 17.33 14.48
N ILE A 103 -5.03 16.12 13.91
CA ILE A 103 -4.01 15.09 14.03
C ILE A 103 -3.06 15.20 12.85
N SER A 104 -1.78 14.94 13.08
CA SER A 104 -0.79 15.09 12.04
C SER A 104 -1.05 14.10 10.91
N PRO A 105 -0.75 14.46 9.66
CA PRO A 105 -0.88 13.49 8.57
C PRO A 105 -0.12 12.19 8.82
N ALA A 106 0.97 12.25 9.59
CA ALA A 106 1.73 11.04 9.87
C ALA A 106 0.94 10.08 10.75
N THR A 107 0.32 10.59 11.81
CA THR A 107 -0.47 9.73 12.69
C THR A 107 -1.72 9.22 11.99
N GLN A 108 -2.32 10.01 11.10
CA GLN A 108 -3.49 9.53 10.37
C GLN A 108 -3.14 8.37 9.45
N ALA A 109 -1.88 8.25 9.05
CA ALA A 109 -1.47 7.16 8.16
C ALA A 109 -1.38 5.82 8.87
N ARG A 110 -1.41 5.81 10.20
CA ARG A 110 -1.36 4.58 10.99
C ARG A 110 -2.76 4.19 11.48
N VAL A 111 -3.76 4.28 10.61
CA VAL A 111 -5.15 4.08 11.02
C VAL A 111 -6.00 3.61 9.85
N LYS A 112 -6.73 2.51 10.04
CA LYS A 112 -7.73 2.02 9.10
C LYS A 112 -9.10 2.16 9.75
N ILE A 113 -10.12 2.50 8.96
CA ILE A 113 -11.46 2.70 9.47
C ILE A 113 -12.45 2.01 8.54
N ILE A 114 -13.36 1.23 9.12
CA ILE A 114 -14.34 0.46 8.37
C ILE A 114 -15.69 0.65 9.04
N THR A 115 -16.74 0.72 8.23
CA THR A 115 -18.12 0.71 8.72
C THR A 115 -18.83 -0.50 8.12
N TYR A 116 -19.14 -1.48 8.97
CA TYR A 116 -19.88 -2.68 8.57
C TYR A 116 -21.15 -2.77 9.40
N GLY A 117 -22.29 -2.74 8.74
CA GLY A 117 -23.55 -2.63 9.46
C GLY A 117 -23.66 -1.24 10.08
N ASN A 118 -23.94 -1.21 11.38
CA ASN A 118 -24.07 0.04 12.13
C ASN A 118 -22.94 0.21 13.13
N VAL A 119 -21.76 -0.34 12.80
CA VAL A 119 -20.60 -0.27 13.67
C VAL A 119 -19.45 0.33 12.87
N THR A 120 -18.53 0.98 13.58
CA THR A 120 -17.36 1.60 12.97
C THR A 120 -16.13 1.14 13.75
N TYR A 121 -15.22 0.46 13.05
CA TYR A 121 -14.04 -0.13 13.66
C TYR A 121 -12.82 0.71 13.29
N VAL A 122 -11.93 0.90 14.27
CA VAL A 122 -10.76 1.75 14.15
C VAL A 122 -9.54 0.90 14.49
N MET A 123 -8.71 0.62 13.49
CA MET A 123 -7.50 -0.17 13.66
C MET A 123 -6.28 0.74 13.56
N GLY A 124 -5.21 0.39 14.27
CA GLY A 124 -3.97 1.15 14.19
C GLY A 124 -2.95 0.89 15.27
N ILE A 125 -1.71 1.30 15.03
CA ILE A 125 -0.62 1.19 16.00
C ILE A 125 -0.39 2.58 16.57
N LEU A 126 -0.87 2.82 17.79
CA LEU A 126 -0.92 4.18 18.33
C LEU A 126 -0.34 4.22 19.73
N THR A 127 0.10 5.42 20.11
CA THR A 127 0.39 5.72 21.49
C THR A 127 -0.91 5.78 22.29
N PRO A 128 -0.88 5.42 23.57
CA PRO A 128 -2.09 5.63 24.39
C PRO A 128 -2.69 7.01 24.27
N GLU A 129 -1.86 8.06 24.16
CA GLU A 129 -2.39 9.40 23.96
C GLU A 129 -3.13 9.51 22.63
N GLU A 130 -2.51 9.02 21.55
CA GLU A 130 -3.13 9.11 20.23
C GLU A 130 -4.44 8.33 20.17
N GLN A 131 -4.55 7.26 20.94
CA GLN A 131 -5.76 6.46 20.90
C GLN A 131 -6.96 7.25 21.41
N ALA A 132 -6.80 7.92 22.55
CA ALA A 132 -7.90 8.70 23.12
C ALA A 132 -8.30 9.86 22.22
N GLN A 133 -7.33 10.47 21.51
CA GLN A 133 -7.65 11.57 20.60
C GLN A 133 -8.47 11.06 19.42
N ILE A 134 -7.95 10.06 18.70
CA ILE A 134 -8.63 9.58 17.51
C ILE A 134 -9.97 8.94 17.87
N THR A 135 -10.01 8.18 18.96
CA THR A 135 -11.27 7.62 19.43
C THR A 135 -12.29 8.73 19.66
N GLN A 136 -11.87 9.85 20.25
CA GLN A 136 -12.77 10.98 20.41
C GLN A 136 -13.28 11.46 19.05
N LYS A 137 -12.36 11.78 18.13
CA LYS A 137 -12.77 12.39 16.87
C LYS A 137 -13.70 11.49 16.07
N VAL A 138 -13.45 10.18 16.10
CA VAL A 138 -14.33 9.28 15.36
C VAL A 138 -15.71 9.23 16.02
N SER A 139 -15.76 9.20 17.34
CA SER A 139 -17.04 9.10 18.02
C SER A 139 -17.92 10.33 17.77
N THR A 140 -17.32 11.51 17.62
CA THR A 140 -18.10 12.71 17.36
C THR A 140 -18.50 12.84 15.90
N THR A 141 -17.78 12.17 14.99
CA THR A 141 -18.17 12.23 13.59
C THR A 141 -19.32 11.28 13.27
N VAL A 142 -19.34 10.11 13.93
CA VAL A 142 -20.41 9.15 13.68
C VAL A 142 -21.61 9.38 14.59
N GLY A 143 -21.44 10.14 15.68
CA GLY A 143 -22.54 10.43 16.57
C GLY A 143 -22.84 9.28 17.50
N VAL A 144 -24.07 8.79 17.48
CA VAL A 144 -24.52 7.77 18.42
C VAL A 144 -24.43 6.41 17.77
N GLN A 145 -23.41 6.20 16.94
CA GLN A 145 -23.13 4.90 16.37
C GLN A 145 -22.07 4.20 17.21
N LYS A 146 -22.15 2.87 17.24
CA LYS A 146 -21.19 2.07 18.01
C LYS A 146 -19.82 2.12 17.35
N VAL A 147 -18.78 2.29 18.19
CA VAL A 147 -17.41 2.51 17.74
C VAL A 147 -16.51 1.51 18.47
N ILE A 148 -15.94 0.56 17.72
CA ILE A 148 -15.08 -0.48 18.27
C ILE A 148 -13.63 -0.16 17.94
N THR A 149 -12.80 -0.03 18.96
CA THR A 149 -11.37 0.21 18.76
C THR A 149 -10.60 -1.10 18.77
N LEU A 150 -9.61 -1.20 17.89
CA LEU A 150 -8.77 -2.38 17.75
C LEU A 150 -7.30 -1.98 17.69
N TYR A 151 -6.83 -1.36 18.76
CA TYR A 151 -5.52 -0.72 18.79
C TYR A 151 -4.43 -1.68 19.24
N GLN A 152 -3.23 -1.44 18.71
CA GLN A 152 -2.00 -2.00 19.25
C GLN A 152 -1.11 -0.85 19.69
N ASN A 153 -0.42 -1.03 20.83
CA ASN A 153 0.43 0.03 21.33
C ASN A 153 1.75 0.08 20.56
N TYR A 154 2.42 1.23 20.66
CA TYR A 154 3.68 1.46 19.98
C TYR A 154 4.72 0.40 20.38
N GLU A 171 11.21 -18.98 8.64
CA GLU A 171 9.99 -19.67 9.03
C GLU A 171 8.78 -19.33 8.14
N ASN A 172 8.32 -18.08 8.26
CA ASN A 172 7.08 -17.62 7.62
C ASN A 172 7.34 -17.11 6.20
N LEU A 173 7.90 -18.01 5.37
CA LEU A 173 8.54 -17.66 4.11
C LEU A 173 7.83 -18.19 2.88
N TYR A 174 6.63 -18.76 3.04
CA TYR A 174 5.88 -19.28 1.90
C TYR A 174 5.20 -18.17 1.11
N PHE A 175 5.08 -16.97 1.68
CA PHE A 175 4.44 -15.88 0.98
C PHE A 175 5.28 -15.43 -0.21
N GLN A 176 4.64 -14.70 -1.12
CA GLN A 176 5.38 -14.06 -2.19
C GLN A 176 6.56 -13.28 -1.63
N GLY A 177 7.65 -13.24 -2.40
CA GLY A 177 8.82 -12.47 -2.03
C GLY A 177 8.77 -11.10 -2.72
N MET A 178 9.14 -10.07 -1.97
CA MET A 178 9.10 -8.71 -2.48
C MET A 178 10.40 -8.35 -3.20
N ASN A 179 10.26 -7.62 -4.29
CA ASN A 179 11.38 -7.06 -5.03
C ASN A 179 10.95 -5.68 -5.53
N ILE A 180 11.82 -5.02 -6.30
CA ILE A 180 11.51 -3.66 -6.72
C ILE A 180 10.34 -3.65 -7.70
N PHE A 181 10.18 -4.70 -8.49
CA PHE A 181 9.05 -4.74 -9.42
C PHE A 181 7.74 -4.90 -8.68
N GLU A 182 7.69 -5.79 -7.69
CA GLU A 182 6.48 -5.93 -6.89
C GLU A 182 6.22 -4.69 -6.03
N MET A 183 7.29 -3.98 -5.66
CA MET A 183 7.13 -2.73 -4.92
C MET A 183 6.31 -1.72 -5.70
N LEU A 184 6.74 -1.44 -6.93
CA LEU A 184 6.04 -0.45 -7.76
C LEU A 184 4.80 -1.02 -8.42
N ARG A 185 4.58 -2.33 -8.33
CA ARG A 185 3.25 -2.87 -8.64
C ARG A 185 2.23 -2.39 -7.61
N ILE A 186 2.59 -2.45 -6.33
CA ILE A 186 1.68 -2.04 -5.26
C ILE A 186 1.47 -0.53 -5.29
N ASP A 187 2.46 0.25 -5.74
CA ASP A 187 2.42 1.69 -5.62
C ASP A 187 1.89 2.40 -6.87
N GLU A 188 1.75 1.69 -8.00
CA GLU A 188 1.29 2.33 -9.22
C GLU A 188 0.29 1.44 -9.96
N GLY A 189 0.56 0.15 -9.98
CA GLY A 189 -0.28 -0.82 -10.63
C GLY A 189 0.41 -1.48 -11.82
N LEU A 190 -0.12 -2.63 -12.20
CA LEU A 190 0.31 -3.36 -13.39
C LEU A 190 -0.83 -3.38 -14.40
N ARG A 191 -0.60 -2.78 -15.56
CA ARG A 191 -1.58 -2.75 -16.63
C ARG A 191 -1.00 -3.45 -17.85
N LEU A 192 -1.75 -4.40 -18.40
CA LEU A 192 -1.30 -5.21 -19.52
C LEU A 192 -1.91 -4.77 -20.84
N LYS A 193 -2.65 -3.66 -20.83
CA LYS A 193 -3.21 -3.07 -22.04
C LYS A 193 -2.91 -1.58 -22.03
N ILE A 194 -2.83 -0.98 -23.22
CA ILE A 194 -2.56 0.45 -23.30
C ILE A 194 -3.72 1.20 -22.67
N TYR A 195 -3.40 2.07 -21.72
CA TYR A 195 -4.40 2.87 -21.03
C TYR A 195 -3.96 4.33 -20.99
N LYS A 196 -4.94 5.22 -20.86
CA LYS A 196 -4.66 6.65 -20.74
C LYS A 196 -4.39 6.99 -19.27
N ASP A 197 -3.25 7.62 -19.02
CA ASP A 197 -2.92 8.11 -17.67
C ASP A 197 -3.78 9.33 -17.33
N THR A 198 -3.42 10.08 -16.29
CA THR A 198 -4.21 11.24 -15.89
C THR A 198 -3.90 12.48 -16.71
N GLU A 199 -2.71 12.58 -17.29
CA GLU A 199 -2.29 13.75 -18.05
C GLU A 199 -2.73 13.71 -19.50
N GLY A 200 -3.53 12.71 -19.90
CA GLY A 200 -4.03 12.63 -21.25
C GLY A 200 -3.12 11.96 -22.25
N TYR A 201 -2.15 11.17 -21.79
CA TYR A 201 -1.20 10.47 -22.65
C TYR A 201 -1.52 8.99 -22.64
N TYR A 202 -0.62 8.19 -23.21
CA TYR A 202 -0.77 6.75 -23.26
C TYR A 202 0.37 6.07 -22.53
N THR A 203 0.08 4.92 -21.92
CA THR A 203 1.01 4.27 -21.02
C THR A 203 0.69 2.79 -20.98
N ILE A 204 1.62 1.98 -20.46
CA ILE A 204 1.42 0.56 -20.31
C ILE A 204 2.35 0.04 -19.23
N GLY A 205 2.05 -1.15 -18.70
CA GLY A 205 2.92 -1.79 -17.73
C GLY A 205 2.85 -1.10 -16.39
N ILE A 206 4.02 -0.75 -15.86
CA ILE A 206 4.12 0.04 -14.64
C ILE A 206 4.53 1.46 -15.00
N GLY A 207 3.57 2.30 -15.35
CA GLY A 207 3.86 3.69 -15.62
C GLY A 207 4.84 3.94 -16.74
N HIS A 208 5.07 2.95 -17.62
CA HIS A 208 5.94 3.15 -18.77
C HIS A 208 5.16 3.90 -19.84
N LEU A 209 5.43 5.19 -19.97
CA LEU A 209 4.71 6.02 -20.93
C LEU A 209 5.24 5.78 -22.34
N LEU A 210 4.31 5.74 -23.30
CA LEU A 210 4.62 5.46 -24.70
C LEU A 210 4.76 6.72 -25.55
N THR A 211 3.89 7.70 -25.34
CA THR A 211 3.88 8.93 -26.13
C THR A 211 2.88 9.89 -25.53
N LYS A 212 3.17 11.19 -25.64
CA LYS A 212 2.25 12.23 -25.21
C LYS A 212 1.23 12.62 -26.28
N SER A 213 1.38 12.08 -27.50
CA SER A 213 0.39 12.32 -28.54
C SER A 213 -0.93 11.65 -28.17
N PRO A 214 -2.08 12.25 -28.52
CA PRO A 214 -3.37 11.56 -28.36
C PRO A 214 -3.60 10.50 -29.43
N SER A 215 -2.62 10.25 -30.28
CA SER A 215 -2.70 9.20 -31.30
C SER A 215 -2.41 7.85 -30.64
N LEU A 216 -3.46 7.04 -30.47
CA LEU A 216 -3.26 5.68 -29.97
C LEU A 216 -2.35 4.89 -30.91
N ASN A 217 -2.55 5.03 -32.22
CA ASN A 217 -1.69 4.34 -33.17
C ASN A 217 -0.24 4.67 -32.94
N ALA A 218 0.05 5.94 -32.63
CA ALA A 218 1.42 6.31 -32.29
C ALA A 218 1.89 5.56 -31.06
N ALA A 219 1.00 5.35 -30.09
CA ALA A 219 1.36 4.63 -28.88
C ALA A 219 1.54 3.14 -29.17
N LYS A 220 0.68 2.56 -30.02
CA LYS A 220 0.79 1.14 -30.30
C LYS A 220 2.08 0.82 -31.05
N SER A 221 2.52 1.72 -31.94
CA SER A 221 3.77 1.51 -32.65
C SER A 221 4.96 1.61 -31.70
N GLU A 222 4.97 2.63 -30.83
CA GLU A 222 6.04 2.72 -29.84
C GLU A 222 6.00 1.55 -28.87
N LEU A 223 4.83 0.94 -28.68
CA LEU A 223 4.77 -0.27 -27.86
C LEU A 223 5.50 -1.42 -28.55
N ASP A 224 5.27 -1.60 -29.85
CA ASP A 224 6.04 -2.58 -30.60
C ASP A 224 7.54 -2.29 -30.54
N LYS A 225 7.90 -1.01 -30.46
CA LYS A 225 9.30 -0.62 -30.43
C LYS A 225 10.04 -1.33 -29.31
N ALA A 226 9.66 -1.06 -28.07
CA ALA A 226 10.39 -1.56 -26.92
C ALA A 226 10.27 -3.07 -26.75
N ILE A 227 9.26 -3.70 -27.35
CA ILE A 227 9.02 -5.13 -27.18
C ILE A 227 9.58 -5.87 -28.38
N GLY A 228 9.47 -5.26 -29.55
CA GLY A 228 9.95 -5.87 -30.77
C GLY A 228 9.10 -7.04 -31.22
N ARG A 229 7.82 -6.81 -31.41
CA ARG A 229 6.90 -7.80 -31.97
C ARG A 229 5.58 -7.11 -32.24
N ASN A 230 4.57 -7.90 -32.63
CA ASN A 230 3.22 -7.39 -32.84
C ASN A 230 2.46 -7.48 -31.53
N THR A 231 2.72 -6.50 -30.67
CA THR A 231 2.06 -6.47 -29.36
C THR A 231 0.55 -6.48 -29.52
N ASN A 232 0.03 -5.63 -30.41
CA ASN A 232 -1.40 -5.45 -30.61
C ASN A 232 -2.04 -4.70 -29.46
N GLY A 233 -1.26 -3.84 -28.79
CA GLY A 233 -1.75 -3.13 -27.62
C GLY A 233 -1.86 -3.97 -26.37
N VAL A 234 -1.36 -5.20 -26.40
CA VAL A 234 -1.44 -6.11 -25.26
C VAL A 234 -0.07 -6.75 -25.05
N ILE A 235 0.29 -6.98 -23.79
CA ILE A 235 1.56 -7.58 -23.43
C ILE A 235 1.34 -8.60 -22.32
N THR A 236 2.34 -9.43 -22.10
CA THR A 236 2.36 -10.38 -21.01
C THR A 236 3.16 -9.81 -19.84
N LYS A 237 2.99 -10.44 -18.67
CA LYS A 237 3.71 -9.97 -17.49
C LYS A 237 5.21 -10.12 -17.67
N ASP A 238 5.64 -11.21 -18.32
CA ASP A 238 7.07 -11.42 -18.52
C ASP A 238 7.69 -10.27 -19.31
N GLU A 239 6.99 -9.75 -20.31
CA GLU A 239 7.52 -8.68 -21.13
C GLU A 239 7.03 -7.29 -20.69
N ALA A 240 6.27 -7.21 -19.60
CA ALA A 240 6.11 -5.95 -18.89
C ALA A 240 7.22 -5.74 -17.87
N GLU A 241 7.71 -6.83 -17.26
CA GLU A 241 8.86 -6.75 -16.39
C GLU A 241 10.12 -6.41 -17.19
N LYS A 242 10.14 -6.72 -18.49
CA LYS A 242 11.26 -6.30 -19.31
C LYS A 242 11.27 -4.79 -19.51
N LEU A 243 10.10 -4.20 -19.74
CA LEU A 243 10.00 -2.74 -19.78
C LEU A 243 10.45 -2.13 -18.47
N PHE A 244 9.88 -2.60 -17.36
CA PHE A 244 10.19 -2.04 -16.05
C PHE A 244 11.68 -2.02 -15.77
N ASN A 245 12.42 -2.98 -16.32
CA ASN A 245 13.87 -2.96 -16.18
C ASN A 245 14.50 -1.83 -16.98
N GLN A 246 13.99 -1.59 -18.19
CA GLN A 246 14.47 -0.45 -18.98
C GLN A 246 14.19 0.86 -18.26
N ASP A 247 13.01 0.99 -17.64
CA ASP A 247 12.68 2.20 -16.90
C ASP A 247 13.56 2.37 -15.67
N VAL A 248 13.90 1.26 -15.00
CA VAL A 248 14.75 1.37 -13.82
C VAL A 248 16.16 1.77 -14.22
N ASP A 249 16.70 1.15 -15.27
CA ASP A 249 18.02 1.54 -15.75
C ASP A 249 18.06 3.02 -16.09
N ALA A 250 17.04 3.50 -16.82
CA ALA A 250 16.98 4.91 -17.20
C ALA A 250 17.03 5.83 -15.98
N ALA A 251 16.29 5.50 -14.92
CA ALA A 251 16.31 6.32 -13.71
C ALA A 251 17.71 6.33 -13.09
N VAL A 252 18.32 5.15 -12.96
CA VAL A 252 19.60 5.04 -12.26
C VAL A 252 20.70 5.83 -12.98
N ARG A 253 20.54 6.11 -14.27
CA ARG A 253 21.51 6.95 -14.97
C ARG A 253 21.25 8.43 -14.70
N GLY A 254 19.99 8.86 -14.77
CA GLY A 254 19.66 10.19 -14.31
C GLY A 254 20.11 10.43 -12.88
N ILE A 255 20.03 9.39 -12.05
CA ILE A 255 20.44 9.53 -10.65
C ILE A 255 21.93 9.74 -10.54
N LEU A 256 22.72 9.01 -11.33
CA LEU A 256 24.17 9.10 -11.23
C LEU A 256 24.75 10.29 -11.98
N ARG A 257 23.96 10.96 -12.82
CA ARG A 257 24.38 12.21 -13.44
C ARG A 257 23.89 13.45 -12.67
N ASN A 258 23.04 13.28 -11.67
CA ASN A 258 22.55 14.39 -10.86
C ASN A 258 23.46 14.56 -9.66
N ALA A 259 23.99 15.78 -9.49
CA ALA A 259 25.02 15.99 -8.49
C ALA A 259 24.51 15.76 -7.08
N LYS A 260 23.20 15.96 -6.86
CA LYS A 260 22.62 15.83 -5.53
C LYS A 260 22.20 14.40 -5.19
N LEU A 261 21.79 13.63 -6.20
CA LEU A 261 21.29 12.28 -5.96
C LEU A 261 22.40 11.23 -5.97
N LYS A 262 23.44 11.41 -6.77
CA LYS A 262 24.45 10.38 -6.94
C LYS A 262 25.08 9.94 -5.62
N PRO A 263 25.63 10.83 -4.79
CA PRO A 263 26.32 10.35 -3.58
C PRO A 263 25.39 9.66 -2.60
N VAL A 264 24.15 10.12 -2.49
CA VAL A 264 23.19 9.42 -1.64
C VAL A 264 22.96 8.01 -2.17
N TYR A 265 22.72 7.88 -3.47
CA TYR A 265 22.43 6.57 -4.05
C TYR A 265 23.59 5.60 -3.84
N ASP A 266 24.82 6.07 -4.06
CA ASP A 266 25.96 5.16 -3.93
C ASP A 266 26.10 4.63 -2.52
N SER A 267 25.72 5.41 -1.52
CA SER A 267 25.97 5.07 -0.13
C SER A 267 24.93 4.12 0.47
N LEU A 268 23.89 3.75 -0.29
CA LEU A 268 22.77 3.04 0.28
C LEU A 268 22.72 1.58 -0.17
N ASP A 269 22.23 0.73 0.73
CA ASP A 269 22.02 -0.68 0.45
C ASP A 269 20.90 -0.86 -0.57
N ALA A 270 20.64 -2.12 -0.90
CA ALA A 270 19.85 -2.45 -2.08
C ALA A 270 18.39 -2.03 -1.92
N VAL A 271 17.78 -2.36 -0.79
CA VAL A 271 16.38 -2.00 -0.59
C VAL A 271 16.22 -0.49 -0.55
N ARG A 272 17.05 0.19 0.22
CA ARG A 272 16.96 1.65 0.29
C ARG A 272 17.16 2.27 -1.08
N ARG A 273 17.92 1.60 -1.97
CA ARG A 273 18.08 2.09 -3.33
C ARG A 273 16.78 2.03 -4.11
N ALA A 274 15.94 1.01 -3.84
CA ALA A 274 14.66 0.90 -4.52
C ALA A 274 13.65 1.88 -3.96
N ALA A 275 13.81 2.28 -2.70
CA ALA A 275 12.99 3.37 -2.16
C ALA A 275 13.26 4.66 -2.91
N LEU A 276 14.54 4.98 -3.11
CA LEU A 276 14.89 6.19 -3.85
C LEU A 276 14.41 6.11 -5.30
N ILE A 277 14.58 4.96 -5.94
CA ILE A 277 14.10 4.81 -7.31
C ILE A 277 12.60 4.98 -7.36
N ASN A 278 11.90 4.58 -6.30
CA ASN A 278 10.46 4.78 -6.23
C ASN A 278 10.11 6.26 -6.30
N MET A 279 10.79 7.08 -5.50
CA MET A 279 10.49 8.51 -5.47
C MET A 279 10.77 9.15 -6.81
N VAL A 280 11.86 8.72 -7.47
CA VAL A 280 12.18 9.26 -8.79
C VAL A 280 11.08 8.92 -9.78
N PHE A 281 10.63 7.66 -9.79
CA PHE A 281 9.53 7.29 -10.68
C PHE A 281 8.33 8.20 -10.50
N GLN A 282 8.11 8.71 -9.28
CA GLN A 282 6.90 9.44 -8.91
C GLN A 282 7.01 10.93 -9.17
N MET A 283 8.18 11.52 -8.88
CA MET A 283 8.39 12.96 -8.96
C MET A 283 9.46 13.37 -9.96
N GLY A 284 10.14 12.42 -10.59
CA GLY A 284 11.25 12.73 -11.47
C GLY A 284 12.52 13.08 -10.71
N GLU A 285 13.64 13.06 -11.44
CA GLU A 285 14.94 13.32 -10.84
C GLU A 285 14.96 14.66 -10.11
N THR A 286 14.52 15.73 -10.79
CA THR A 286 14.61 17.06 -10.19
C THR A 286 13.77 17.16 -8.92
N GLY A 287 12.55 16.65 -8.95
CA GLY A 287 11.72 16.62 -7.77
C GLY A 287 12.41 16.05 -6.55
N VAL A 288 12.92 14.82 -6.66
CA VAL A 288 13.60 14.20 -5.53
C VAL A 288 14.79 15.06 -5.09
N ALA A 289 15.53 15.61 -6.06
CA ALA A 289 16.74 16.36 -5.73
C ALA A 289 16.46 17.56 -4.83
N GLY A 290 15.21 18.03 -4.78
CA GLY A 290 14.84 19.13 -3.91
C GLY A 290 14.72 18.79 -2.44
N PHE A 291 14.66 17.50 -2.07
CA PHE A 291 14.57 17.08 -0.67
C PHE A 291 15.92 17.21 0.04
N THR A 292 16.52 18.41 -0.02
CA THR A 292 17.88 18.59 0.45
C THR A 292 18.14 18.00 1.84
N ASN A 293 17.31 18.35 2.82
CA ASN A 293 17.63 17.99 4.20
C ASN A 293 17.45 16.49 4.44
N SER A 294 16.41 15.90 3.86
CA SER A 294 16.18 14.47 4.06
C SER A 294 17.29 13.64 3.40
N LEU A 295 17.82 14.12 2.27
CA LEU A 295 18.89 13.41 1.59
C LEU A 295 20.17 13.39 2.41
N ARG A 296 20.51 14.52 3.04
CA ARG A 296 21.73 14.55 3.86
C ARG A 296 21.62 13.57 5.03
N MET A 297 20.41 13.34 5.53
CA MET A 297 20.23 12.43 6.66
C MET A 297 20.32 10.96 6.23
N LEU A 298 19.89 10.64 5.01
CA LEU A 298 20.04 9.29 4.52
C LEU A 298 21.51 8.96 4.26
N GLN A 299 22.23 9.87 3.61
CA GLN A 299 23.66 9.67 3.41
C GLN A 299 24.41 9.59 4.74
N GLN A 300 23.84 10.14 5.81
CA GLN A 300 24.40 10.04 7.14
C GLN A 300 23.85 8.86 7.93
N LYS A 301 22.94 8.08 7.35
CA LYS A 301 22.36 6.89 7.98
C LYS A 301 21.47 7.21 9.18
N ARG A 302 21.06 8.47 9.34
CA ARG A 302 20.12 8.84 10.40
C ARG A 302 18.71 8.47 9.92
N TRP A 303 18.39 7.18 10.06
CA TRP A 303 17.16 6.66 9.49
C TRP A 303 15.92 7.29 10.13
N ASP A 304 15.95 7.49 11.44
CA ASP A 304 14.74 7.93 12.13
C ASP A 304 14.51 9.42 11.99
N GLU A 305 15.58 10.22 12.02
CA GLU A 305 15.43 11.64 11.74
C GLU A 305 15.01 11.88 10.31
N ALA A 306 15.46 11.05 9.37
CA ALA A 306 15.07 11.21 7.98
C ALA A 306 13.61 10.88 7.76
N ALA A 307 13.02 10.04 8.63
CA ALA A 307 11.61 9.68 8.49
C ALA A 307 10.69 10.75 9.05
N VAL A 308 11.03 11.31 10.21
CA VAL A 308 10.22 12.39 10.77
C VAL A 308 10.15 13.54 9.77
N ASN A 309 11.24 13.79 9.06
CA ASN A 309 11.32 14.93 8.17
C ASN A 309 10.56 14.69 6.86
N LEU A 310 10.65 13.48 6.31
CA LEU A 310 9.95 13.22 5.06
C LEU A 310 8.44 13.19 5.26
N ALA A 311 7.97 12.93 6.48
CA ALA A 311 6.55 12.91 6.76
C ALA A 311 5.96 14.32 6.97
N LYS A 312 6.75 15.36 6.71
CA LYS A 312 6.30 16.73 6.82
C LYS A 312 6.12 17.42 5.47
N SER A 313 6.35 16.73 4.36
CA SER A 313 6.34 17.35 3.05
C SER A 313 4.98 17.24 2.38
N ARG A 314 4.80 17.98 1.28
CA ARG A 314 3.58 17.83 0.48
C ARG A 314 3.44 16.41 -0.03
N TRP A 315 4.58 15.76 -0.28
CA TRP A 315 4.58 14.37 -0.75
C TRP A 315 3.72 13.49 0.16
N TYR A 316 4.02 13.50 1.46
CA TYR A 316 3.21 12.74 2.40
C TYR A 316 1.76 13.16 2.34
N ASN A 317 1.50 14.46 2.17
CA ASN A 317 0.13 14.95 2.19
C ASN A 317 -0.68 14.36 1.04
N GLN A 318 -0.12 14.36 -0.17
CA GLN A 318 -0.88 13.99 -1.35
C GLN A 318 -0.82 12.52 -1.70
N THR A 319 0.09 11.75 -1.12
CA THR A 319 0.17 10.30 -1.35
C THR A 319 0.61 9.61 -0.05
N PRO A 320 -0.20 9.74 1.01
CA PRO A 320 0.27 9.30 2.33
C PRO A 320 0.51 7.81 2.45
N ASN A 321 -0.35 6.98 1.87
CA ASN A 321 -0.17 5.53 1.99
C ASN A 321 1.15 5.10 1.36
N ARG A 322 1.39 5.51 0.12
CA ARG A 322 2.67 5.25 -0.53
C ARG A 322 3.82 5.80 0.32
N ALA A 323 3.86 7.11 0.52
CA ALA A 323 4.94 7.70 1.29
C ALA A 323 5.12 7.02 2.64
N LYS A 324 4.09 6.36 3.18
CA LYS A 324 4.28 5.64 4.44
C LYS A 324 5.08 4.38 4.21
N ARG A 325 4.82 3.69 3.10
CA ARG A 325 5.59 2.49 2.78
C ARG A 325 7.00 2.87 2.37
N VAL A 326 7.14 3.86 1.50
CA VAL A 326 8.47 4.27 1.03
C VAL A 326 9.33 4.69 2.21
N ILE A 327 8.72 5.37 3.18
CA ILE A 327 9.49 5.93 4.28
C ILE A 327 9.89 4.85 5.27
N THR A 328 9.01 3.86 5.49
CA THR A 328 9.37 2.74 6.35
C THR A 328 10.50 1.91 5.74
N THR A 329 10.46 1.72 4.42
CA THR A 329 11.57 1.11 3.72
C THR A 329 12.88 1.85 4.01
N PHE A 330 12.85 3.18 4.01
CA PHE A 330 14.03 3.95 4.35
C PHE A 330 14.44 3.76 5.80
N ARG A 331 13.47 3.53 6.69
CA ARG A 331 13.77 3.45 8.12
C ARG A 331 14.28 2.08 8.51
N THR A 332 13.67 1.03 7.98
CA THR A 332 14.07 -0.34 8.30
C THR A 332 15.13 -0.89 7.34
N GLY A 333 15.22 -0.34 6.14
CA GLY A 333 16.04 -0.97 5.12
C GLY A 333 15.54 -2.35 4.73
N THR A 334 14.25 -2.61 4.87
CA THR A 334 13.68 -3.91 4.57
C THR A 334 12.35 -3.74 3.83
N TRP A 335 11.78 -4.87 3.40
CA TRP A 335 10.50 -4.89 2.68
C TRP A 335 9.30 -5.03 3.60
N ASP A 336 9.42 -4.61 4.86
CA ASP A 336 8.32 -4.73 5.83
C ASP A 336 7.00 -4.18 5.27
N ALA A 337 6.93 -2.86 5.10
CA ALA A 337 5.68 -2.21 4.73
C ALA A 337 5.03 -2.85 3.51
N TYR A 338 5.83 -3.47 2.63
CA TYR A 338 5.28 -4.04 1.40
C TYR A 338 4.92 -5.51 1.54
N ALA A 339 5.69 -6.26 2.33
CA ALA A 339 5.36 -7.66 2.58
C ALA A 339 4.05 -7.76 3.38
CL CL B . -1.25 7.40 -1.06
CL CL C . -9.48 10.02 -1.34
#